data_1IQ6
#
_entry.id   1IQ6
#
_cell.length_a   110.03
_cell.length_b   57.82
_cell.length_c   46.97
_cell.angle_alpha   90
_cell.angle_beta   112.74
_cell.angle_gamma   90
#
_symmetry.space_group_name_H-M   'C 1 2 1'
#
loop_
_entity.id
_entity.type
_entity.pdbx_description
1 polymer '(R)-SPECIFIC ENOYL-COA HYDRATASE'
2 non-polymer 'ISOPROPYL ALCOHOL'
3 water water
#
_entity_poly.entity_id   1
_entity_poly.type   'polypeptide(L)'
_entity_poly.pdbx_seq_one_letter_code
;MSAQSLEVGQKARLSKRFGAAEVAAFAALSEDFNPLHLDPAFAATTAFERPIVHGMLLASLFSGLLGQQLPGKGSIYLGQ
SLSFKLPVFVGDEVTAEVEVTALREDKPIATLTTRIFTQGGALAVTGEAVVKLP
;
_entity_poly.pdbx_strand_id   A,B
#
loop_
_chem_comp.id
_chem_comp.type
_chem_comp.name
_chem_comp.formula
IPA non-polymer 'ISOPROPYL ALCOHOL' 'C3 H8 O'
#
# COMPACT_ATOMS: atom_id res chain seq x y z
N ALA A 3 -18.39 -16.30 -13.42
CA ALA A 3 -18.32 -15.04 -14.23
C ALA A 3 -17.78 -15.33 -15.62
N GLN A 4 -16.49 -15.07 -15.82
CA GLN A 4 -15.83 -15.28 -17.11
C GLN A 4 -14.88 -16.48 -17.03
N SER A 5 -13.65 -16.29 -17.49
CA SER A 5 -12.64 -17.34 -17.45
C SER A 5 -11.97 -17.37 -16.07
N LEU A 6 -12.20 -16.32 -15.28
CA LEU A 6 -11.63 -16.23 -13.95
C LEU A 6 -12.41 -17.14 -13.02
N GLU A 7 -11.71 -17.92 -12.21
CA GLU A 7 -12.38 -18.83 -11.30
C GLU A 7 -11.62 -19.12 -10.01
N VAL A 8 -12.36 -19.55 -9.00
CA VAL A 8 -11.78 -19.89 -7.71
C VAL A 8 -10.63 -20.87 -7.87
N GLY A 9 -9.52 -20.59 -7.21
CA GLY A 9 -8.38 -21.47 -7.28
C GLY A 9 -7.23 -20.97 -8.14
N GLN A 10 -7.54 -20.10 -9.10
CA GLN A 10 -6.50 -19.54 -9.97
C GLN A 10 -5.54 -18.72 -9.13
N LYS A 11 -4.25 -18.89 -9.41
CA LYS A 11 -3.22 -18.19 -8.66
C LYS A 11 -2.22 -17.52 -9.59
N ALA A 12 -1.51 -16.55 -9.07
CA ALA A 12 -0.48 -15.85 -9.82
C ALA A 12 0.56 -15.41 -8.81
N ARG A 13 1.83 -15.44 -9.19
CA ARG A 13 2.85 -15.01 -8.26
C ARG A 13 4.02 -14.36 -8.95
N LEU A 14 4.88 -13.77 -8.14
CA LEU A 14 6.09 -13.14 -8.63
C LEU A 14 7.08 -13.10 -7.48
N SER A 15 8.34 -12.91 -7.81
CA SER A 15 9.38 -12.83 -6.81
C SER A 15 10.16 -11.56 -7.09
N LYS A 16 10.58 -10.86 -6.04
CA LYS A 16 11.35 -9.64 -6.21
C LYS A 16 12.23 -9.38 -5.00
N ARG A 17 13.44 -8.91 -5.27
CA ARG A 17 14.41 -8.60 -4.23
C ARG A 17 14.57 -7.08 -4.22
N PHE A 18 13.93 -6.43 -3.25
CA PHE A 18 14.02 -4.97 -3.14
C PHE A 18 15.36 -4.56 -2.54
N GLY A 19 16.13 -3.78 -3.28
CA GLY A 19 17.42 -3.31 -2.81
C GLY A 19 17.34 -1.92 -2.22
N ALA A 20 18.48 -1.41 -1.76
CA ALA A 20 18.55 -0.08 -1.14
C ALA A 20 18.01 1.04 -2.02
N ALA A 21 18.38 1.05 -3.30
CA ALA A 21 17.93 2.10 -4.20
C ALA A 21 16.42 2.11 -4.36
N GLU A 22 15.82 0.93 -4.47
CA GLU A 22 14.37 0.82 -4.62
C GLU A 22 13.65 1.27 -3.36
N VAL A 23 14.19 0.89 -2.20
CA VAL A 23 13.58 1.29 -0.93
C VAL A 23 13.66 2.81 -0.79
N ALA A 24 14.76 3.39 -1.24
CA ALA A 24 14.93 4.83 -1.16
C ALA A 24 13.93 5.51 -2.10
N ALA A 25 13.70 4.89 -3.26
CA ALA A 25 12.75 5.44 -4.22
C ALA A 25 11.35 5.41 -3.65
N PHE A 26 11.00 4.33 -2.95
CA PHE A 26 9.69 4.23 -2.34
C PHE A 26 9.55 5.24 -1.19
N ALA A 27 10.64 5.47 -0.47
CA ALA A 27 10.60 6.43 0.63
C ALA A 27 10.23 7.80 0.08
N ALA A 28 10.79 8.15 -1.08
CA ALA A 28 10.48 9.44 -1.69
C ALA A 28 9.03 9.54 -2.13
N LEU A 29 8.48 8.45 -2.67
CA LEU A 29 7.09 8.45 -3.11
C LEU A 29 6.10 8.53 -1.94
N SER A 30 6.36 7.71 -0.92
CA SER A 30 5.51 7.60 0.27
C SER A 30 5.73 8.66 1.33
N GLU A 31 6.86 9.34 1.25
CA GLU A 31 7.25 10.35 2.24
C GLU A 31 7.63 9.66 3.56
N ASP A 32 7.89 8.35 3.50
CA ASP A 32 8.29 7.60 4.69
C ASP A 32 9.81 7.42 4.65
N PHE A 33 10.52 8.32 5.32
CA PHE A 33 11.98 8.28 5.35
C PHE A 33 12.56 7.69 6.63
N ASN A 34 11.93 6.66 7.16
CA ASN A 34 12.40 6.00 8.37
C ASN A 34 13.81 5.46 8.16
N PRO A 35 14.76 5.83 9.04
CA PRO A 35 16.14 5.35 8.88
C PRO A 35 16.21 3.83 8.99
N LEU A 36 15.20 3.23 9.61
CA LEU A 36 15.16 1.78 9.76
C LEU A 36 15.09 1.11 8.40
N HIS A 37 14.57 1.81 7.41
CA HIS A 37 14.45 1.29 6.05
C HIS A 37 15.62 1.72 5.18
N LEU A 38 16.28 2.81 5.56
CA LEU A 38 17.36 3.36 4.75
C LEU A 38 18.79 3.42 5.30
N ASP A 39 18.93 3.41 6.63
CA ASP A 39 20.26 3.54 7.24
C ASP A 39 20.81 2.32 7.96
N PRO A 40 21.81 1.65 7.37
CA PRO A 40 22.43 0.47 7.98
C PRO A 40 22.98 0.73 9.38
N ALA A 41 23.60 1.90 9.57
CA ALA A 41 24.16 2.26 10.86
C ALA A 41 23.08 2.37 11.91
N PHE A 42 21.97 3.04 11.56
CA PHE A 42 20.87 3.19 12.49
C PHE A 42 20.22 1.83 12.81
N ALA A 43 19.95 1.07 11.75
CA ALA A 43 19.33 -0.24 11.90
C ALA A 43 20.08 -1.13 12.89
N ALA A 44 21.40 -1.00 12.91
CA ALA A 44 22.24 -1.80 13.79
C ALA A 44 21.99 -1.54 15.28
N THR A 45 21.39 -0.40 15.60
CA THR A 45 21.12 -0.05 16.99
C THR A 45 19.74 -0.54 17.44
N THR A 46 19.02 -1.19 16.52
CA THR A 46 17.68 -1.70 16.82
C THR A 46 17.69 -3.22 16.85
N ALA A 47 16.58 -3.80 17.32
CA ALA A 47 16.45 -5.25 17.40
C ALA A 47 16.43 -5.88 16.01
N PHE A 48 16.12 -5.09 14.99
CA PHE A 48 16.09 -5.60 13.62
C PHE A 48 17.51 -5.83 13.11
N GLU A 49 18.46 -5.10 13.68
CA GLU A 49 19.88 -5.19 13.34
C GLU A 49 20.25 -4.70 11.94
N ARG A 50 19.34 -4.83 10.98
CA ARG A 50 19.59 -4.39 9.61
C ARG A 50 18.33 -3.73 9.04
N PRO A 51 18.48 -2.89 8.00
CA PRO A 51 17.34 -2.20 7.40
C PRO A 51 16.28 -3.18 6.86
N ILE A 52 15.01 -2.81 7.06
CA ILE A 52 13.90 -3.63 6.58
C ILE A 52 13.10 -2.87 5.53
N VAL A 53 12.40 -3.60 4.67
CA VAL A 53 11.59 -3.02 3.60
C VAL A 53 10.26 -2.48 4.11
N HIS A 54 9.83 -1.34 3.57
CA HIS A 54 8.55 -0.75 3.96
C HIS A 54 7.45 -1.80 3.75
N GLY A 55 6.58 -1.95 4.73
CA GLY A 55 5.50 -2.91 4.56
C GLY A 55 4.66 -2.58 3.32
N MET A 56 4.45 -1.29 3.05
CA MET A 56 3.67 -0.90 1.88
C MET A 56 4.39 -1.09 0.56
N LEU A 57 5.71 -1.21 0.61
CA LEU A 57 6.45 -1.46 -0.63
C LEU A 57 6.22 -2.94 -0.93
N LEU A 58 6.23 -3.76 0.11
CA LEU A 58 5.98 -5.19 -0.06
C LEU A 58 4.56 -5.36 -0.62
N ALA A 59 3.60 -4.65 -0.02
CA ALA A 59 2.21 -4.74 -0.45
C ALA A 59 1.96 -4.25 -1.87
N SER A 60 2.83 -3.37 -2.37
CA SER A 60 2.67 -2.85 -3.72
C SER A 60 2.70 -3.96 -4.76
N LEU A 61 3.37 -5.07 -4.43
CA LEU A 61 3.47 -6.20 -5.33
C LEU A 61 2.09 -6.79 -5.65
N PHE A 62 1.14 -6.61 -4.74
CA PHE A 62 -0.22 -7.09 -4.96
C PHE A 62 -0.82 -6.31 -6.13
N SER A 63 -0.47 -5.03 -6.25
CA SER A 63 -0.98 -4.23 -7.35
C SER A 63 -0.39 -4.77 -8.65
N GLY A 64 0.88 -5.18 -8.61
CA GLY A 64 1.50 -5.74 -9.79
C GLY A 64 0.82 -7.03 -10.22
N LEU A 65 0.51 -7.89 -9.26
CA LEU A 65 -0.15 -9.16 -9.56
C LEU A 65 -1.58 -8.96 -10.07
N LEU A 66 -2.35 -8.11 -9.41
CA LEU A 66 -3.73 -7.88 -9.81
C LEU A 66 -3.84 -7.10 -11.12
N GLY A 67 -2.97 -6.11 -11.31
CA GLY A 67 -3.01 -5.30 -12.51
C GLY A 67 -2.34 -5.86 -13.74
N GLN A 68 -1.42 -6.81 -13.57
CA GLN A 68 -0.73 -7.37 -14.72
C GLN A 68 -0.90 -8.87 -14.94
N GLN A 69 -1.44 -9.59 -13.96
CA GLN A 69 -1.63 -11.02 -14.11
C GLN A 69 -3.07 -11.49 -13.89
N LEU A 70 -3.53 -11.46 -12.65
CA LEU A 70 -4.89 -11.90 -12.33
C LEU A 70 -5.59 -10.92 -11.42
N PRO A 71 -6.70 -10.30 -11.87
CA PRO A 71 -7.36 -10.45 -13.19
C PRO A 71 -6.59 -9.85 -14.36
N GLY A 72 -5.62 -8.97 -14.08
CA GLY A 72 -4.83 -8.37 -15.14
C GLY A 72 -5.30 -7.01 -15.61
N LYS A 73 -4.78 -6.57 -16.75
CA LYS A 73 -5.12 -5.26 -17.32
C LYS A 73 -6.62 -4.98 -17.31
N GLY A 74 -6.97 -3.77 -16.88
CA GLY A 74 -8.37 -3.39 -16.84
C GLY A 74 -8.99 -3.55 -15.46
N SER A 75 -8.33 -4.32 -14.59
CA SER A 75 -8.81 -4.55 -13.23
C SER A 75 -8.75 -3.26 -12.43
N ILE A 76 -9.65 -3.11 -11.48
CA ILE A 76 -9.69 -1.93 -10.63
C ILE A 76 -9.84 -2.33 -9.16
N TYR A 77 -8.97 -1.80 -8.32
CA TYR A 77 -9.00 -2.09 -6.88
C TYR A 77 -10.26 -1.53 -6.21
N LEU A 78 -10.87 -2.34 -5.36
CA LEU A 78 -12.04 -1.90 -4.60
C LEU A 78 -11.64 -1.90 -3.12
N GLY A 79 -10.84 -2.88 -2.73
CA GLY A 79 -10.39 -2.96 -1.35
C GLY A 79 -9.16 -3.84 -1.18
N GLN A 80 -8.44 -3.61 -0.09
CA GLN A 80 -7.25 -4.40 0.21
C GLN A 80 -7.01 -4.36 1.71
N SER A 81 -6.90 -5.53 2.33
CA SER A 81 -6.63 -5.61 3.76
C SER A 81 -5.19 -6.06 3.91
N LEU A 82 -4.50 -5.54 4.92
CA LEU A 82 -3.10 -5.88 5.12
C LEU A 82 -2.71 -6.12 6.57
N SER A 83 -2.06 -7.25 6.81
CA SER A 83 -1.56 -7.59 8.14
C SER A 83 -0.06 -7.81 7.97
N PHE A 84 0.72 -7.00 8.67
CA PHE A 84 2.18 -7.11 8.58
C PHE A 84 2.64 -7.99 9.74
N LYS A 85 3.15 -9.17 9.40
CA LYS A 85 3.57 -10.15 10.40
C LYS A 85 5.05 -10.25 10.69
N LEU A 86 5.86 -10.27 9.64
CA LEU A 86 7.30 -10.41 9.80
C LEU A 86 8.07 -9.36 9.03
N PRO A 87 9.29 -9.03 9.49
CA PRO A 87 10.08 -8.05 8.77
C PRO A 87 10.76 -8.69 7.57
N VAL A 88 10.97 -7.90 6.53
CA VAL A 88 11.67 -8.37 5.34
C VAL A 88 12.89 -7.46 5.28
N PHE A 89 14.07 -8.05 5.31
CA PHE A 89 15.29 -7.27 5.28
C PHE A 89 15.65 -6.83 3.86
N VAL A 90 16.09 -5.59 3.74
CA VAL A 90 16.49 -5.04 2.46
C VAL A 90 17.58 -5.94 1.90
N GLY A 91 17.45 -6.28 0.62
CA GLY A 91 18.44 -7.15 -0.01
C GLY A 91 17.96 -8.59 -0.10
N ASP A 92 16.90 -8.92 0.64
CA ASP A 92 16.34 -10.27 0.62
C ASP A 92 15.16 -10.34 -0.35
N GLU A 93 15.00 -11.50 -0.99
CA GLU A 93 13.92 -11.70 -1.93
C GLU A 93 12.64 -12.13 -1.21
N VAL A 94 11.50 -11.84 -1.82
CA VAL A 94 10.22 -12.25 -1.27
C VAL A 94 9.41 -12.82 -2.41
N THR A 95 8.37 -13.57 -2.07
CA THR A 95 7.49 -14.15 -3.06
C THR A 95 6.07 -13.65 -2.78
N ALA A 96 5.48 -13.01 -3.77
CA ALA A 96 4.12 -12.48 -3.65
C ALA A 96 3.17 -13.38 -4.43
N GLU A 97 2.00 -13.64 -3.86
CA GLU A 97 1.02 -14.50 -4.52
C GLU A 97 -0.40 -14.07 -4.26
N VAL A 98 -1.24 -14.19 -5.29
CA VAL A 98 -2.65 -13.89 -5.15
C VAL A 98 -3.39 -15.14 -5.58
N GLU A 99 -4.51 -15.43 -4.92
CA GLU A 99 -5.30 -16.60 -5.25
C GLU A 99 -6.78 -16.23 -5.18
N VAL A 100 -7.50 -16.54 -6.26
CA VAL A 100 -8.93 -16.24 -6.30
C VAL A 100 -9.67 -17.13 -5.31
N THR A 101 -10.40 -16.51 -4.39
CA THR A 101 -11.15 -17.28 -3.40
C THR A 101 -12.65 -17.18 -3.58
N ALA A 102 -13.09 -16.17 -4.33
CA ALA A 102 -14.52 -16.00 -4.55
C ALA A 102 -14.85 -15.05 -5.70
N LEU A 103 -15.99 -15.32 -6.33
CA LEU A 103 -16.49 -14.49 -7.42
C LEU A 103 -17.90 -14.11 -7.04
N ARG A 104 -18.21 -12.81 -7.05
CA ARG A 104 -19.56 -12.40 -6.71
C ARG A 104 -20.47 -12.89 -7.83
N GLU A 105 -21.64 -13.40 -7.48
CA GLU A 105 -22.55 -13.92 -8.49
C GLU A 105 -23.35 -12.86 -9.24
N ASP A 106 -23.61 -11.72 -8.59
CA ASP A 106 -24.41 -10.67 -9.21
C ASP A 106 -23.64 -9.42 -9.63
N LYS A 107 -22.31 -9.46 -9.50
CA LYS A 107 -21.48 -8.32 -9.87
C LYS A 107 -20.12 -8.81 -10.35
N PRO A 108 -19.48 -8.08 -11.29
CA PRO A 108 -18.16 -8.47 -11.81
C PRO A 108 -17.09 -8.12 -10.79
N ILE A 109 -17.12 -8.82 -9.67
CA ILE A 109 -16.18 -8.59 -8.59
C ILE A 109 -15.56 -9.90 -8.08
N ALA A 110 -14.26 -9.84 -7.80
CA ALA A 110 -13.55 -11.01 -7.32
C ALA A 110 -12.80 -10.71 -6.03
N THR A 111 -12.67 -11.73 -5.18
CA THR A 111 -11.94 -11.61 -3.93
C THR A 111 -10.74 -12.55 -4.04
N LEU A 112 -9.57 -12.07 -3.65
CA LEU A 112 -8.36 -12.87 -3.72
C LEU A 112 -7.56 -12.75 -2.44
N THR A 113 -6.93 -13.85 -2.04
CA THR A 113 -6.09 -13.83 -0.86
C THR A 113 -4.74 -13.32 -1.38
N THR A 114 -4.14 -12.40 -0.64
CA THR A 114 -2.88 -11.79 -1.04
C THR A 114 -1.82 -12.07 0.02
N ARG A 115 -0.73 -12.72 -0.38
CA ARG A 115 0.31 -13.06 0.58
C ARG A 115 1.73 -12.78 0.11
N ILE A 116 2.58 -12.41 1.07
CA ILE A 116 3.99 -12.14 0.82
C ILE A 116 4.76 -13.10 1.73
N PHE A 117 5.66 -13.88 1.14
CA PHE A 117 6.47 -14.82 1.91
C PHE A 117 7.93 -14.35 1.93
N THR A 118 8.59 -14.56 3.05
CA THR A 118 10.00 -14.19 3.21
C THR A 118 10.83 -15.24 2.46
N GLN A 119 12.13 -14.99 2.36
CA GLN A 119 13.04 -15.91 1.68
C GLN A 119 13.01 -17.26 2.36
N GLY A 120 12.69 -17.27 3.65
CA GLY A 120 12.63 -18.51 4.41
C GLY A 120 11.29 -19.20 4.27
N GLY A 121 10.36 -18.57 3.57
CA GLY A 121 9.05 -19.16 3.37
C GLY A 121 8.04 -18.81 4.45
N ALA A 122 8.38 -17.85 5.31
CA ALA A 122 7.46 -17.45 6.38
C ALA A 122 6.49 -16.39 5.86
N LEU A 123 5.29 -16.35 6.43
CA LEU A 123 4.28 -15.40 6.02
C LEU A 123 4.59 -14.01 6.57
N ALA A 124 5.04 -13.10 5.70
CA ALA A 124 5.38 -11.75 6.11
C ALA A 124 4.22 -10.77 6.05
N VAL A 125 3.37 -10.91 5.03
CA VAL A 125 2.22 -10.04 4.86
C VAL A 125 1.05 -10.87 4.37
N THR A 126 -0.14 -10.64 4.92
CA THR A 126 -1.30 -11.38 4.48
C THR A 126 -2.52 -10.49 4.47
N GLY A 127 -3.50 -10.87 3.67
CA GLY A 127 -4.72 -10.09 3.58
C GLY A 127 -5.56 -10.54 2.40
N GLU A 128 -6.52 -9.70 2.03
CA GLU A 128 -7.41 -10.00 0.92
C GLU A 128 -7.63 -8.77 0.07
N ALA A 129 -7.77 -8.99 -1.23
CA ALA A 129 -8.04 -7.90 -2.15
C ALA A 129 -9.40 -8.16 -2.79
N VAL A 130 -10.14 -7.09 -3.04
CA VAL A 130 -11.43 -7.19 -3.70
C VAL A 130 -11.26 -6.29 -4.91
N VAL A 131 -11.52 -6.84 -6.09
CA VAL A 131 -11.33 -6.05 -7.31
C VAL A 131 -12.47 -6.18 -8.30
N LYS A 132 -12.62 -5.15 -9.13
CA LYS A 132 -13.63 -5.15 -10.18
C LYS A 132 -12.92 -5.79 -11.37
N LEU A 133 -13.59 -6.73 -12.03
CA LEU A 133 -13.03 -7.43 -13.17
C LEU A 133 -12.90 -6.56 -14.42
N PRO A 134 -11.98 -6.93 -15.33
CA PRO A 134 -11.76 -6.19 -16.57
C PRO A 134 -13.00 -6.18 -17.48
N SER B 2 8.57 19.28 27.41
CA SER B 2 8.32 17.90 27.91
C SER B 2 7.77 17.02 26.79
N ALA B 3 7.89 15.71 26.96
CA ALA B 3 7.42 14.77 25.96
C ALA B 3 5.90 14.89 25.81
N GLN B 4 5.42 14.77 24.58
CA GLN B 4 4.01 14.86 24.29
C GLN B 4 3.41 13.47 24.06
N SER B 5 2.49 13.08 24.94
CA SER B 5 1.86 11.78 24.84
C SER B 5 0.89 11.71 23.67
N LEU B 6 0.72 10.51 23.13
CA LEU B 6 -0.20 10.30 22.03
C LEU B 6 -1.60 10.31 22.64
N GLU B 7 -2.54 10.95 21.95
CA GLU B 7 -3.91 11.04 22.46
C GLU B 7 -4.95 10.86 21.36
N VAL B 8 -6.07 10.25 21.74
CA VAL B 8 -7.17 10.05 20.81
C VAL B 8 -7.61 11.43 20.34
N GLY B 9 -7.84 11.57 19.03
CA GLY B 9 -8.26 12.84 18.49
C GLY B 9 -7.15 13.62 17.81
N GLN B 10 -5.90 13.26 18.09
CA GLN B 10 -4.77 13.95 17.46
C GLN B 10 -4.79 13.60 15.98
N LYS B 11 -4.41 14.54 15.14
CA LYS B 11 -4.41 14.32 13.70
C LYS B 11 -3.23 14.94 12.99
N ALA B 12 -3.00 14.48 11.76
CA ALA B 12 -1.90 14.97 10.95
C ALA B 12 -2.31 14.83 9.49
N ARG B 13 -1.74 15.67 8.64
CA ARG B 13 -2.06 15.59 7.23
C ARG B 13 -0.92 16.11 6.37
N LEU B 14 -0.98 15.80 5.09
CA LEU B 14 0.01 16.27 4.13
C LEU B 14 -0.66 16.24 2.77
N SER B 15 -0.12 17.01 1.83
CA SER B 15 -0.67 17.04 0.49
C SER B 15 0.45 16.72 -0.47
N LYS B 16 0.09 16.13 -1.60
CA LYS B 16 1.09 15.78 -2.60
C LYS B 16 0.48 15.56 -3.96
N ARG B 17 1.27 15.82 -5.00
CA ARG B 17 0.83 15.64 -6.38
C ARG B 17 1.62 14.49 -6.99
N PHE B 18 0.93 13.47 -7.44
CA PHE B 18 1.61 12.35 -8.08
C PHE B 18 1.44 12.56 -9.59
N GLY B 19 2.54 12.96 -10.24
CA GLY B 19 2.51 13.18 -11.66
C GLY B 19 3.01 11.96 -12.41
N ALA B 20 3.16 12.09 -13.72
CA ALA B 20 3.61 10.98 -14.55
C ALA B 20 4.89 10.30 -14.07
N ALA B 21 5.87 11.08 -13.64
CA ALA B 21 7.13 10.51 -13.19
C ALA B 21 6.95 9.65 -11.94
N GLU B 22 6.14 10.13 -11.00
CA GLU B 22 5.92 9.38 -9.78
C GLU B 22 5.13 8.09 -10.06
N VAL B 23 4.10 8.20 -10.89
CA VAL B 23 3.30 7.03 -11.23
C VAL B 23 4.17 6.00 -11.96
N ALA B 24 5.07 6.47 -12.82
CA ALA B 24 5.96 5.57 -13.54
C ALA B 24 6.90 4.86 -12.57
N ALA B 25 7.41 5.60 -11.59
CA ALA B 25 8.33 5.02 -10.60
C ALA B 25 7.58 3.97 -9.77
N PHE B 26 6.32 4.24 -9.44
CA PHE B 26 5.56 3.29 -8.65
C PHE B 26 5.26 2.04 -9.48
N ALA B 27 4.98 2.24 -10.76
CA ALA B 27 4.70 1.12 -11.65
C ALA B 27 5.92 0.18 -11.66
N ALA B 28 7.11 0.76 -11.77
CA ALA B 28 8.34 -0.02 -11.80
C ALA B 28 8.58 -0.79 -10.49
N LEU B 29 8.32 -0.15 -9.35
CA LEU B 29 8.52 -0.80 -8.06
C LEU B 29 7.50 -1.90 -7.77
N SER B 30 6.24 -1.62 -8.10
CA SER B 30 5.14 -2.55 -7.85
C SER B 30 4.94 -3.60 -8.94
N GLU B 31 5.51 -3.34 -10.11
CA GLU B 31 5.38 -4.22 -11.27
C GLU B 31 3.97 -4.08 -11.86
N ASP B 32 3.24 -3.05 -11.44
CA ASP B 32 1.88 -2.82 -11.94
C ASP B 32 1.87 -1.79 -13.07
N PHE B 33 1.94 -2.29 -14.30
CA PHE B 33 1.93 -1.42 -15.47
C PHE B 33 0.56 -1.41 -16.14
N ASN B 34 -0.48 -1.55 -15.32
CA ASN B 34 -1.86 -1.52 -15.82
C ASN B 34 -2.01 -0.25 -16.66
N PRO B 35 -2.42 -0.38 -17.94
CA PRO B 35 -2.58 0.79 -18.81
C PRO B 35 -3.52 1.87 -18.27
N LEU B 36 -4.34 1.51 -17.28
CA LEU B 36 -5.26 2.46 -16.67
C LEU B 36 -4.50 3.61 -16.03
N HIS B 37 -3.25 3.34 -15.66
CA HIS B 37 -2.41 4.34 -15.00
C HIS B 37 -1.41 5.06 -15.91
N LEU B 38 -1.34 4.68 -17.18
CA LEU B 38 -0.35 5.29 -18.07
C LEU B 38 -0.79 5.73 -19.47
N ASP B 39 -1.61 4.92 -20.13
CA ASP B 39 -2.04 5.19 -21.50
C ASP B 39 -3.33 6.00 -21.63
N PRO B 40 -3.24 7.23 -22.17
CA PRO B 40 -4.42 8.07 -22.34
C PRO B 40 -5.44 7.51 -23.34
N ALA B 41 -4.94 6.84 -24.39
CA ALA B 41 -5.82 6.24 -25.38
C ALA B 41 -6.64 5.13 -24.72
N PHE B 42 -5.97 4.28 -23.95
CA PHE B 42 -6.64 3.17 -23.27
C PHE B 42 -7.58 3.72 -22.20
N ALA B 43 -7.09 4.69 -21.43
CA ALA B 43 -7.88 5.30 -20.37
C ALA B 43 -9.16 5.93 -20.92
N ALA B 44 -9.06 6.50 -22.10
CA ALA B 44 -10.22 7.15 -22.72
C ALA B 44 -11.38 6.17 -22.96
N THR B 45 -11.06 4.89 -23.12
CA THR B 45 -12.09 3.88 -23.35
C THR B 45 -12.75 3.43 -22.06
N THR B 46 -12.23 3.89 -20.93
CA THR B 46 -12.78 3.52 -19.63
C THR B 46 -13.61 4.67 -19.07
N ALA B 47 -14.41 4.38 -18.06
CA ALA B 47 -15.25 5.38 -17.44
C ALA B 47 -14.42 6.50 -16.82
N PHE B 48 -13.14 6.24 -16.57
CA PHE B 48 -12.26 7.25 -15.99
C PHE B 48 -11.84 8.29 -17.02
N GLU B 49 -11.89 7.90 -18.30
CA GLU B 49 -11.56 8.77 -19.42
C GLU B 49 -10.09 9.17 -19.53
N ARG B 50 -9.39 9.22 -18.41
CA ARG B 50 -7.97 9.59 -18.41
C ARG B 50 -7.19 8.79 -17.38
N PRO B 51 -5.85 8.72 -17.52
CA PRO B 51 -5.00 7.98 -16.59
C PRO B 51 -5.18 8.36 -15.12
N ILE B 52 -5.23 7.35 -14.27
CA ILE B 52 -5.41 7.54 -12.84
C ILE B 52 -4.23 7.01 -12.04
N VAL B 53 -4.00 7.59 -10.86
CA VAL B 53 -2.91 7.18 -9.99
C VAL B 53 -3.25 5.84 -9.31
N HIS B 54 -2.26 4.97 -9.17
CA HIS B 54 -2.47 3.68 -8.51
C HIS B 54 -3.03 3.89 -7.11
N GLY B 55 -4.09 3.17 -6.77
CA GLY B 55 -4.65 3.32 -5.44
C GLY B 55 -3.62 2.97 -4.39
N MET B 56 -2.76 1.99 -4.67
CA MET B 56 -1.75 1.61 -3.69
C MET B 56 -0.64 2.64 -3.55
N LEU B 57 -0.51 3.54 -4.53
CA LEU B 57 0.48 4.61 -4.42
C LEU B 57 -0.14 5.66 -3.49
N LEU B 58 -1.43 5.95 -3.70
CA LEU B 58 -2.13 6.91 -2.83
C LEU B 58 -2.04 6.43 -1.39
N ALA B 59 -2.33 5.15 -1.17
CA ALA B 59 -2.31 4.57 0.16
C ALA B 59 -0.95 4.60 0.84
N SER B 60 0.11 4.63 0.04
CA SER B 60 1.46 4.66 0.58
C SER B 60 1.75 5.93 1.39
N LEU B 61 0.98 6.99 1.14
CA LEU B 61 1.18 8.24 1.87
C LEU B 61 0.90 8.06 3.35
N PHE B 62 0.07 7.08 3.71
CA PHE B 62 -0.23 6.86 5.11
C PHE B 62 1.05 6.46 5.84
N SER B 63 1.90 5.68 5.17
CA SER B 63 3.15 5.24 5.76
C SER B 63 3.99 6.46 6.12
N GLY B 64 3.98 7.47 5.25
CA GLY B 64 4.73 8.68 5.50
C GLY B 64 4.22 9.44 6.71
N LEU B 65 2.91 9.61 6.81
CA LEU B 65 2.33 10.32 7.94
C LEU B 65 2.51 9.55 9.24
N LEU B 66 2.26 8.25 9.20
CA LEU B 66 2.39 7.41 10.38
C LEU B 66 3.82 7.34 10.92
N GLY B 67 4.78 7.24 10.01
CA GLY B 67 6.17 7.13 10.43
C GLY B 67 6.91 8.43 10.68
N GLN B 68 6.44 9.51 10.05
CA GLN B 68 7.11 10.79 10.21
C GLN B 68 6.46 11.76 11.18
N GLN B 69 5.13 11.68 11.32
CA GLN B 69 4.44 12.60 12.20
C GLN B 69 3.57 12.04 13.32
N LEU B 70 2.65 11.14 12.97
CA LEU B 70 1.74 10.59 13.98
C LEU B 70 1.39 9.13 13.71
N PRO B 71 1.75 8.21 14.63
CA PRO B 71 2.47 8.41 15.89
C PRO B 71 3.88 8.98 15.71
N GLY B 72 4.48 8.74 14.55
CA GLY B 72 5.80 9.26 14.28
C GLY B 72 6.97 8.29 14.34
N LYS B 73 8.16 8.86 14.40
CA LYS B 73 9.44 8.15 14.45
C LYS B 73 9.42 6.91 15.34
N GLY B 74 9.78 5.76 14.77
CA GLY B 74 9.82 4.53 15.54
C GLY B 74 8.58 3.67 15.41
N SER B 75 7.50 4.25 14.89
CA SER B 75 6.25 3.52 14.73
C SER B 75 6.44 2.30 13.82
N ILE B 76 5.75 1.22 14.16
CA ILE B 76 5.82 0.00 13.36
C ILE B 76 4.43 -0.37 12.87
N TYR B 77 4.30 -0.58 11.56
CA TYR B 77 3.04 -0.95 10.92
C TYR B 77 2.61 -2.36 11.31
N LEU B 78 1.39 -2.50 11.83
CA LEU B 78 0.88 -3.82 12.19
C LEU B 78 -0.24 -4.20 11.21
N GLY B 79 -1.00 -3.22 10.75
CA GLY B 79 -2.07 -3.51 9.81
C GLY B 79 -2.62 -2.27 9.14
N GLN B 80 -3.22 -2.46 7.97
CA GLN B 80 -3.81 -1.36 7.22
C GLN B 80 -4.96 -1.87 6.37
N SER B 81 -6.14 -1.28 6.54
CA SER B 81 -7.29 -1.66 5.73
C SER B 81 -7.50 -0.53 4.74
N LEU B 82 -7.88 -0.88 3.51
CA LEU B 82 -8.07 0.12 2.45
C LEU B 82 -9.30 -0.14 1.62
N SER B 83 -10.07 0.91 1.36
CA SER B 83 -11.25 0.83 0.52
C SER B 83 -11.07 1.99 -0.47
N PHE B 84 -11.09 1.67 -1.76
CA PHE B 84 -10.91 2.66 -2.81
C PHE B 84 -12.26 3.11 -3.34
N LYS B 85 -12.54 4.40 -3.18
CA LYS B 85 -13.85 4.95 -3.55
C LYS B 85 -13.93 5.82 -4.80
N LEU B 86 -12.93 6.65 -5.01
CA LEU B 86 -12.90 7.54 -6.18
C LEU B 86 -11.52 7.57 -6.78
N PRO B 87 -11.42 7.87 -8.07
CA PRO B 87 -10.13 7.92 -8.72
C PRO B 87 -9.43 9.25 -8.54
N VAL B 88 -8.10 9.21 -8.59
CA VAL B 88 -7.28 10.41 -8.50
C VAL B 88 -6.57 10.45 -9.85
N PHE B 89 -6.72 11.55 -10.57
CA PHE B 89 -6.09 11.67 -11.88
C PHE B 89 -4.64 12.10 -11.79
N VAL B 90 -3.81 11.54 -12.66
CA VAL B 90 -2.40 11.85 -12.66
C VAL B 90 -2.17 13.35 -12.76
N GLY B 91 -1.34 13.87 -11.86
CA GLY B 91 -1.04 15.30 -11.87
C GLY B 91 -1.84 16.08 -10.85
N ASP B 92 -2.97 15.54 -10.40
CA ASP B 92 -3.80 16.22 -9.43
C ASP B 92 -3.26 16.05 -8.02
N GLU B 93 -3.57 17.00 -7.16
CA GLU B 93 -3.11 16.95 -5.78
C GLU B 93 -4.11 16.17 -4.91
N VAL B 94 -3.59 15.56 -3.84
CA VAL B 94 -4.42 14.84 -2.90
C VAL B 94 -3.97 15.25 -1.50
N THR B 95 -4.83 14.99 -0.52
CA THR B 95 -4.49 15.29 0.86
C THR B 95 -4.69 14.00 1.65
N ALA B 96 -3.64 13.59 2.37
CA ALA B 96 -3.69 12.37 3.19
C ALA B 96 -3.92 12.85 4.61
N GLU B 97 -4.83 12.19 5.34
CA GLU B 97 -5.15 12.57 6.70
C GLU B 97 -5.24 11.37 7.62
N VAL B 98 -4.61 11.45 8.79
CA VAL B 98 -4.68 10.38 9.77
C VAL B 98 -5.13 10.98 11.09
N GLU B 99 -5.85 10.19 11.89
CA GLU B 99 -6.33 10.65 13.19
C GLU B 99 -6.36 9.47 14.14
N VAL B 100 -5.83 9.68 15.35
CA VAL B 100 -5.83 8.62 16.36
C VAL B 100 -7.24 8.40 16.85
N THR B 101 -7.73 7.16 16.78
CA THR B 101 -9.08 6.85 17.23
C THR B 101 -9.10 5.95 18.46
N ALA B 102 -8.00 5.27 18.73
CA ALA B 102 -7.93 4.39 19.88
C ALA B 102 -6.50 4.08 20.30
N LEU B 103 -6.29 3.96 21.62
CA LEU B 103 -4.98 3.65 22.17
C LEU B 103 -5.16 2.51 23.17
N ARG B 104 -4.67 1.33 22.82
CA ARG B 104 -4.79 0.17 23.70
C ARG B 104 -3.95 0.32 24.96
N GLU B 105 -4.39 -0.29 26.04
CA GLU B 105 -3.66 -0.21 27.30
C GLU B 105 -3.05 -1.52 27.72
N ASP B 106 -3.28 -2.58 26.94
CA ASP B 106 -2.69 -3.88 27.24
C ASP B 106 -1.36 -3.96 26.51
N LYS B 107 -1.25 -3.18 25.42
CA LYS B 107 -0.04 -3.12 24.61
C LYS B 107 0.04 -1.72 23.98
N PRO B 108 1.26 -1.23 23.71
CA PRO B 108 1.45 0.09 23.11
C PRO B 108 1.09 0.09 21.62
N ILE B 109 -0.21 0.02 21.35
CA ILE B 109 -0.72 -0.03 19.99
C ILE B 109 -1.77 1.07 19.79
N ALA B 110 -1.77 1.67 18.61
CA ALA B 110 -2.73 2.71 18.30
C ALA B 110 -3.47 2.39 17.01
N THR B 111 -4.72 2.83 16.95
CA THR B 111 -5.51 2.64 15.74
C THR B 111 -5.80 4.04 15.23
N LEU B 112 -5.69 4.23 13.91
CA LEU B 112 -5.92 5.53 13.30
C LEU B 112 -6.77 5.42 12.05
N THR B 113 -7.64 6.39 11.84
CA THR B 113 -8.45 6.41 10.63
C THR B 113 -7.53 7.08 9.60
N THR B 114 -7.45 6.49 8.41
CA THR B 114 -6.59 6.97 7.34
C THR B 114 -7.41 7.28 6.09
N ARG B 115 -7.35 8.53 5.64
CA ARG B 115 -8.12 8.95 4.49
C ARG B 115 -7.34 9.76 3.46
N ILE B 116 -7.69 9.58 2.20
CA ILE B 116 -7.08 10.33 1.10
C ILE B 116 -8.24 11.09 0.45
N PHE B 117 -8.09 12.41 0.32
CA PHE B 117 -9.10 13.23 -0.33
C PHE B 117 -8.58 13.76 -1.64
N THR B 118 -9.45 13.85 -2.64
CA THR B 118 -9.08 14.36 -3.95
C THR B 118 -8.88 15.86 -3.86
N GLN B 119 -8.40 16.44 -4.96
CA GLN B 119 -8.17 17.86 -5.05
C GLN B 119 -9.50 18.60 -4.84
N GLY B 120 -10.59 17.96 -5.25
CA GLY B 120 -11.91 18.55 -5.11
C GLY B 120 -12.56 18.35 -3.76
N GLY B 121 -11.84 17.71 -2.84
CA GLY B 121 -12.37 17.48 -1.51
C GLY B 121 -13.24 16.26 -1.29
N ALA B 122 -13.16 15.29 -2.19
CA ALA B 122 -13.95 14.07 -2.09
C ALA B 122 -13.10 12.89 -1.63
N LEU B 123 -13.72 11.99 -0.88
CA LEU B 123 -13.02 10.83 -0.35
C LEU B 123 -12.61 9.83 -1.44
N ALA B 124 -11.31 9.61 -1.58
CA ALA B 124 -10.80 8.69 -2.59
C ALA B 124 -10.40 7.34 -1.99
N VAL B 125 -9.84 7.38 -0.79
CA VAL B 125 -9.40 6.16 -0.10
C VAL B 125 -9.69 6.31 1.39
N THR B 126 -10.18 5.26 2.01
CA THR B 126 -10.45 5.30 3.44
C THR B 126 -10.14 3.95 4.07
N GLY B 127 -9.85 3.97 5.36
CA GLY B 127 -9.54 2.74 6.04
C GLY B 127 -8.96 3.04 7.40
N GLU B 128 -8.31 2.04 7.99
CA GLU B 128 -7.71 2.18 9.32
C GLU B 128 -6.33 1.53 9.40
N ALA B 129 -5.44 2.19 10.13
CA ALA B 129 -4.11 1.65 10.34
C ALA B 129 -3.99 1.26 11.80
N VAL B 130 -3.22 0.20 12.04
CA VAL B 130 -2.96 -0.27 13.39
C VAL B 130 -1.43 -0.23 13.47
N VAL B 131 -0.90 0.49 14.45
CA VAL B 131 0.55 0.62 14.57
C VAL B 131 1.09 0.47 15.98
N LYS B 132 2.29 -0.10 16.07
CA LYS B 132 2.97 -0.27 17.35
C LYS B 132 3.65 1.06 17.64
N LEU B 133 3.47 1.57 18.84
CA LEU B 133 4.04 2.86 19.23
C LEU B 133 5.56 2.89 19.30
N PRO B 134 6.17 4.06 19.05
CA PRO B 134 7.62 4.25 19.08
C PRO B 134 8.26 3.66 20.33
C1 IPA C . -6.72 -23.03 -10.82
C2 IPA C . -7.66 -24.02 -10.39
C3 IPA C . -7.20 -24.69 -9.14
O2 IPA C . -8.92 -23.35 -10.22
#